data_5KK9
#
_entry.id   5KK9
#
_entity_poly.entity_id   1
_entity_poly.type   'polypeptide(L)'
_entity_poly.pdbx_seq_one_letter_code
;(ACE)MNWTGLYTLLSRVNRHSTAIGR
;
_entity_poly.pdbx_strand_id   A
#
loop_
_chem_comp.id
_chem_comp.type
_chem_comp.name
_chem_comp.formula
ACE non-polymer 'ACETYL GROUP' 'C2 H4 O'
#
# COMPACT_ATOMS: atom_id res chain seq x y z
C ACE A 1 12.79 1.76 2.87
O ACE A 1 12.24 2.24 1.88
CH3 ACE A 1 13.68 2.60 3.75
H1 ACE A 1 13.06 3.30 4.29
H2 ACE A 1 14.40 3.11 3.15
H3 ACE A 1 14.21 1.94 4.44
N MET A 2 12.66 0.48 3.21
CA MET A 2 11.83 -0.44 2.44
C MET A 2 10.41 -0.49 3.01
N ASN A 3 9.52 0.31 2.44
CA ASN A 3 8.13 0.34 2.88
C ASN A 3 7.26 -0.52 1.98
N TRP A 4 6.59 -1.48 2.60
CA TRP A 4 5.70 -2.37 1.89
C TRP A 4 4.77 -3.06 2.87
N THR A 5 5.34 -3.95 3.69
CA THR A 5 4.58 -4.71 4.67
C THR A 5 3.11 -4.83 4.27
N GLY A 6 2.87 -5.06 2.98
CA GLY A 6 1.51 -5.15 2.50
C GLY A 6 1.42 -5.74 1.10
N LEU A 7 2.46 -6.44 0.68
CA LEU A 7 2.48 -7.07 -0.65
C LEU A 7 2.32 -8.58 -0.55
N TYR A 8 1.82 -9.05 0.58
CA TYR A 8 1.64 -10.48 0.80
C TYR A 8 0.32 -10.82 1.50
N THR A 9 0.06 -10.17 2.63
CA THR A 9 -1.16 -10.42 3.39
C THR A 9 -2.09 -9.21 3.40
N LEU A 10 -1.88 -8.29 2.48
CA LEU A 10 -2.71 -7.10 2.41
C LEU A 10 -3.00 -6.69 0.98
N LEU A 11 -1.93 -6.48 0.24
CA LEU A 11 -2.01 -6.06 -1.16
C LEU A 11 -3.13 -5.04 -1.39
N SER A 12 -4.34 -5.52 -1.62
CA SER A 12 -5.48 -4.63 -1.84
C SER A 12 -5.88 -3.90 -0.57
N ARG A 13 -5.11 -4.11 0.50
CA ARG A 13 -5.37 -3.48 1.78
C ARG A 13 -4.30 -2.44 2.09
N VAL A 14 -3.52 -2.09 1.08
CA VAL A 14 -2.45 -1.11 1.23
C VAL A 14 -2.73 0.13 0.40
N ASN A 15 -3.50 1.05 0.96
CA ASN A 15 -3.85 2.29 0.27
C ASN A 15 -2.59 3.01 -0.20
N ARG A 16 -2.32 2.92 -1.50
CA ARG A 16 -1.13 3.56 -2.08
C ARG A 16 -1.17 5.07 -1.86
N HIS A 17 -0.26 5.57 -1.03
CA HIS A 17 -0.17 6.99 -0.73
C HIS A 17 -1.49 7.50 -0.13
N SER A 18 -1.58 8.82 0.05
CA SER A 18 -2.77 9.44 0.62
C SER A 18 -3.81 9.72 -0.48
N THR A 19 -4.91 10.34 -0.09
CA THR A 19 -5.98 10.67 -1.02
C THR A 19 -5.47 11.64 -2.10
N ALA A 20 -5.90 11.42 -3.34
CA ALA A 20 -5.50 12.27 -4.45
C ALA A 20 -6.02 13.69 -4.26
N ILE A 21 -5.32 14.65 -4.87
CA ILE A 21 -5.71 16.05 -4.77
C ILE A 21 -5.44 16.79 -6.07
N GLY A 22 -6.33 17.72 -6.42
CA GLY A 22 -6.16 18.48 -7.65
C GLY A 22 -4.89 19.28 -7.67
N ARG A 23 -4.67 20.09 -6.62
CA ARG A 23 -3.48 20.91 -6.52
C ARG A 23 -3.19 21.29 -5.07
C ACE A 1 10.32 3.82 3.31
O ACE A 1 10.45 3.75 2.09
CH3 ACE A 1 10.92 4.96 4.09
H1 ACE A 1 10.24 5.23 4.89
H2 ACE A 1 11.05 5.81 3.43
H3 ACE A 1 11.88 4.65 4.47
N MET A 2 9.66 2.91 4.03
CA MET A 2 9.03 1.75 3.41
C MET A 2 7.79 1.33 4.17
N ASN A 3 6.66 1.25 3.46
CA ASN A 3 5.40 0.86 4.08
C ASN A 3 4.76 -0.30 3.32
N TRP A 4 5.48 -0.82 2.33
CA TRP A 4 4.97 -1.94 1.53
C TRP A 4 4.42 -3.02 2.43
N THR A 5 4.93 -3.08 3.66
CA THR A 5 4.52 -4.08 4.62
C THR A 5 3.04 -4.44 4.43
N GLY A 6 2.81 -5.42 3.57
CA GLY A 6 1.46 -5.83 3.27
C GLY A 6 1.28 -6.14 1.79
N LEU A 7 2.37 -6.08 1.03
CA LEU A 7 2.33 -6.34 -0.40
C LEU A 7 2.30 -7.84 -0.71
N TYR A 8 1.96 -8.61 0.31
CA TYR A 8 1.89 -10.06 0.18
C TYR A 8 0.55 -10.61 0.66
N THR A 9 -0.05 -9.95 1.65
CA THR A 9 -1.33 -10.39 2.20
C THR A 9 -2.21 -9.21 2.60
N LEU A 10 -1.80 -8.01 2.21
CA LEU A 10 -2.55 -6.80 2.53
C LEU A 10 -2.51 -5.79 1.40
N LEU A 11 -2.07 -6.25 0.24
CA LEU A 11 -1.98 -5.41 -0.96
C LEU A 11 -3.20 -4.51 -1.09
N SER A 12 -4.35 -5.11 -1.41
CA SER A 12 -5.59 -4.35 -1.55
C SER A 12 -6.04 -3.79 -0.21
N ARG A 13 -5.37 -4.24 0.85
CA ARG A 13 -5.69 -3.81 2.20
C ARG A 13 -4.70 -2.74 2.67
N VAL A 14 -3.90 -2.25 1.73
CA VAL A 14 -2.90 -1.24 2.01
C VAL A 14 -2.75 -0.28 0.84
N ASN A 15 -3.36 0.90 0.97
CA ASN A 15 -3.29 1.92 -0.07
C ASN A 15 -1.86 2.13 -0.55
N ARG A 16 -1.51 1.47 -1.65
CA ARG A 16 -0.17 1.56 -2.21
C ARG A 16 0.19 3.02 -2.51
N HIS A 17 -0.58 3.63 -3.41
CA HIS A 17 -0.34 5.02 -3.79
C HIS A 17 -0.88 5.98 -2.73
N SER A 18 -0.01 6.84 -2.22
CA SER A 18 -0.39 7.81 -1.20
C SER A 18 -0.56 9.19 -1.80
N THR A 19 0.52 9.73 -2.35
CA THR A 19 0.48 11.06 -2.96
C THR A 19 0.99 11.01 -4.40
N ALA A 20 0.65 12.03 -5.17
CA ALA A 20 1.07 12.11 -6.57
C ALA A 20 1.60 13.50 -6.91
N ILE A 21 2.29 13.60 -8.05
CA ILE A 21 2.86 14.86 -8.49
C ILE A 21 2.61 15.08 -9.98
N GLY A 22 1.68 14.31 -10.52
CA GLY A 22 1.36 14.42 -11.93
C GLY A 22 2.40 13.76 -12.82
N ARG A 23 3.14 14.57 -13.57
CA ARG A 23 4.17 14.07 -14.46
C ARG A 23 5.56 14.26 -13.86
C ACE A 1 11.41 1.56 5.11
O ACE A 1 10.67 2.04 4.24
CH3 ACE A 1 12.26 2.44 5.97
H1 ACE A 1 11.72 2.66 6.88
H2 ACE A 1 12.47 3.36 5.44
H3 ACE A 1 13.19 1.93 6.18
N MET A 2 11.49 0.25 5.35
CA MET A 2 10.71 -0.71 4.57
C MET A 2 9.30 -0.85 5.14
N ASN A 3 8.33 -0.27 4.44
CA ASN A 3 6.95 -0.34 4.87
C ASN A 3 6.10 -1.14 3.87
N TRP A 4 6.78 -1.97 3.07
CA TRP A 4 6.08 -2.80 2.10
C TRP A 4 5.26 -3.84 2.80
N THR A 5 5.60 -4.09 4.06
CA THR A 5 4.92 -5.09 4.87
C THR A 5 3.42 -5.10 4.58
N GLY A 6 3.03 -5.82 3.54
CA GLY A 6 1.64 -5.89 3.17
C GLY A 6 1.44 -6.41 1.75
N LEU A 7 2.47 -6.28 0.91
CA LEU A 7 2.40 -6.73 -0.49
C LEU A 7 2.17 -8.23 -0.63
N TYR A 8 1.80 -8.89 0.46
CA TYR A 8 1.59 -10.31 0.45
C TYR A 8 0.31 -10.69 1.21
N THR A 9 0.01 -9.96 2.28
CA THR A 9 -1.19 -10.23 3.08
C THR A 9 -2.09 -9.01 3.16
N LEU A 10 -1.83 -8.05 2.27
CA LEU A 10 -2.61 -6.83 2.25
C LEU A 10 -2.84 -6.35 0.82
N LEU A 11 -1.75 -6.04 0.15
CA LEU A 11 -1.78 -5.56 -1.23
C LEU A 11 -2.85 -4.50 -1.44
N SER A 12 -4.07 -4.94 -1.73
CA SER A 12 -5.18 -4.02 -1.95
C SER A 12 -5.62 -3.36 -0.63
N ARG A 13 -4.92 -3.72 0.45
CA ARG A 13 -5.23 -3.17 1.77
C ARG A 13 -4.16 -2.17 2.19
N VAL A 14 -3.32 -1.79 1.25
CA VAL A 14 -2.25 -0.84 1.51
C VAL A 14 -2.54 0.51 0.85
N ASN A 15 -3.56 1.20 1.34
CA ASN A 15 -3.94 2.50 0.81
C ASN A 15 -4.11 2.44 -0.72
N ARG A 16 -3.03 2.76 -1.42
CA ARG A 16 -3.04 2.75 -2.89
C ARG A 16 -1.65 3.04 -3.45
N HIS A 17 -1.10 2.08 -4.19
CA HIS A 17 0.22 2.24 -4.79
C HIS A 17 0.28 1.61 -6.17
N SER A 18 -0.65 0.68 -6.43
CA SER A 18 -0.70 0.00 -7.72
C SER A 18 -1.04 0.97 -8.84
N THR A 19 -0.49 0.72 -10.03
CA THR A 19 -0.73 1.58 -11.18
C THR A 19 -1.15 0.75 -12.39
N ALA A 20 -0.73 -0.51 -12.43
CA ALA A 20 -1.06 -1.39 -13.53
C ALA A 20 -2.28 -2.25 -13.21
N ILE A 21 -3.34 -2.08 -14.00
CA ILE A 21 -4.57 -2.82 -13.80
C ILE A 21 -4.43 -4.25 -14.31
N GLY A 22 -4.99 -5.20 -13.56
CA GLY A 22 -4.92 -6.59 -13.95
C GLY A 22 -6.13 -7.38 -13.50
N ARG A 23 -5.97 -8.69 -13.36
CA ARG A 23 -7.06 -9.56 -12.94
C ARG A 23 -7.07 -9.72 -11.42
C ACE A 1 11.01 3.49 3.15
O ACE A 1 9.95 4.10 2.95
CH3 ACE A 1 12.07 4.07 4.04
H1 ACE A 1 12.04 3.55 4.99
H2 ACE A 1 11.87 5.12 4.21
H3 ACE A 1 13.03 3.96 3.56
N MET A 2 11.28 2.31 2.60
CA MET A 2 10.33 1.65 1.71
C MET A 2 9.11 1.18 2.50
N ASN A 3 7.98 1.86 2.31
CA ASN A 3 6.75 1.50 3.00
C ASN A 3 5.91 0.55 2.17
N TRP A 4 5.57 -0.58 2.77
CA TRP A 4 4.75 -1.59 2.13
C TRP A 4 4.22 -2.55 3.16
N THR A 5 5.11 -3.38 3.71
CA THR A 5 4.75 -4.37 4.70
C THR A 5 3.31 -4.86 4.53
N GLY A 6 2.84 -4.86 3.28
CA GLY A 6 1.47 -5.28 3.02
C GLY A 6 1.21 -5.55 1.54
N LEU A 7 2.23 -6.00 0.83
CA LEU A 7 2.08 -6.32 -0.60
C LEU A 7 2.15 -7.82 -0.86
N TYR A 8 1.81 -8.59 0.16
CA TYR A 8 1.83 -10.04 0.06
C TYR A 8 0.52 -10.64 0.57
N THR A 9 -0.03 -10.02 1.61
CA THR A 9 -1.28 -10.48 2.20
C THR A 9 -2.16 -9.31 2.62
N LEU A 10 -1.77 -8.12 2.20
CA LEU A 10 -2.51 -6.91 2.54
C LEU A 10 -2.53 -5.94 1.36
N LEU A 11 -2.26 -6.47 0.17
CA LEU A 11 -2.25 -5.69 -1.06
C LEU A 11 -3.37 -4.66 -1.08
N SER A 12 -4.59 -5.10 -1.35
CA SER A 12 -5.74 -4.22 -1.39
C SER A 12 -6.05 -3.68 0.00
N ARG A 13 -5.35 -4.22 1.00
CA ARG A 13 -5.53 -3.81 2.39
C ARG A 13 -4.50 -2.76 2.77
N VAL A 14 -3.75 -2.30 1.78
CA VAL A 14 -2.71 -1.30 1.98
C VAL A 14 -2.61 -0.36 0.78
N ASN A 15 -3.19 0.83 0.91
CA ASN A 15 -3.16 1.81 -0.16
C ASN A 15 -1.74 1.98 -0.70
N ARG A 16 -1.47 1.36 -1.85
CA ARG A 16 -0.15 1.43 -2.47
C ARG A 16 0.28 2.88 -2.68
N HIS A 17 -0.43 3.58 -3.56
CA HIS A 17 -0.12 4.96 -3.86
C HIS A 17 -1.25 5.88 -3.40
N SER A 18 -2.34 5.28 -2.93
CA SER A 18 -3.50 6.04 -2.46
C SER A 18 -4.07 6.91 -3.56
N THR A 19 -5.15 6.44 -4.19
CA THR A 19 -5.80 7.19 -5.26
C THR A 19 -7.27 7.42 -4.96
N ALA A 20 -7.87 6.51 -4.20
CA ALA A 20 -9.28 6.62 -3.83
C ALA A 20 -9.58 5.83 -2.57
N ILE A 21 -10.03 6.53 -1.53
CA ILE A 21 -10.36 5.89 -0.25
C ILE A 21 -11.83 5.49 -0.21
N GLY A 22 -12.15 4.54 0.67
CA GLY A 22 -13.51 4.08 0.80
C GLY A 22 -13.78 2.82 0.01
N ARG A 23 -14.43 1.85 0.65
CA ARG A 23 -14.74 0.58 0.00
C ARG A 23 -16.00 0.70 -0.86
C ACE A 1 10.16 3.63 2.32
O ACE A 1 9.23 3.72 1.52
CH3 ACE A 1 11.00 4.83 2.66
H1 ACE A 1 12.05 4.54 2.62
H2 ACE A 1 10.77 5.15 3.66
H3 ACE A 1 10.78 5.63 1.97
N MET A 2 10.48 2.49 2.93
CA MET A 2 9.75 1.25 2.68
C MET A 2 8.65 1.05 3.74
N ASN A 3 7.40 1.24 3.33
CA ASN A 3 6.28 1.06 4.24
C ASN A 3 5.35 -0.03 3.75
N TRP A 4 5.66 -0.57 2.57
CA TRP A 4 4.84 -1.61 1.97
C TRP A 4 4.26 -2.54 3.03
N THR A 5 5.12 -3.36 3.63
CA THR A 5 4.70 -4.32 4.65
C THR A 5 3.23 -4.69 4.47
N GLY A 6 2.81 -4.85 3.21
CA GLY A 6 1.42 -5.16 2.93
C GLY A 6 1.18 -5.52 1.47
N LEU A 7 2.21 -6.03 0.80
CA LEU A 7 2.08 -6.42 -0.60
C LEU A 7 2.16 -7.93 -0.79
N TYR A 8 1.80 -8.66 0.25
CA TYR A 8 1.80 -10.11 0.21
C TYR A 8 0.48 -10.68 0.72
N THR A 9 -0.07 -10.06 1.76
CA THR A 9 -1.32 -10.49 2.34
C THR A 9 -2.20 -9.31 2.71
N LEU A 10 -1.79 -8.13 2.26
CA LEU A 10 -2.52 -6.91 2.55
C LEU A 10 -2.52 -5.97 1.33
N LEU A 11 -2.24 -6.53 0.17
CA LEU A 11 -2.20 -5.77 -1.08
C LEU A 11 -3.30 -4.71 -1.13
N SER A 12 -4.52 -5.15 -1.43
CA SER A 12 -5.66 -4.24 -1.51
C SER A 12 -6.00 -3.71 -0.12
N ARG A 13 -5.34 -4.26 0.90
CA ARG A 13 -5.56 -3.86 2.27
C ARG A 13 -4.54 -2.81 2.69
N VAL A 14 -3.78 -2.32 1.72
CA VAL A 14 -2.76 -1.30 1.98
C VAL A 14 -2.65 -0.35 0.80
N ASN A 15 -3.26 0.83 0.94
CA ASN A 15 -3.22 1.84 -0.12
C ASN A 15 -1.78 2.10 -0.55
N ARG A 16 -1.38 1.44 -1.63
CA ARG A 16 -0.02 1.59 -2.15
C ARG A 16 0.24 3.02 -2.59
N HIS A 17 1.43 3.25 -3.15
CA HIS A 17 1.81 4.58 -3.62
C HIS A 17 2.36 4.52 -5.04
N SER A 18 2.25 5.64 -5.75
CA SER A 18 2.73 5.72 -7.12
C SER A 18 4.25 5.90 -7.16
N THR A 19 4.95 4.89 -7.67
CA THR A 19 6.41 4.95 -7.76
C THR A 19 6.87 4.71 -9.20
N ALA A 20 7.38 5.78 -9.83
CA ALA A 20 7.87 5.69 -11.20
C ALA A 20 6.76 5.23 -12.14
N ILE A 21 7.13 4.99 -13.40
CA ILE A 21 6.17 4.54 -14.40
C ILE A 21 6.61 3.23 -15.04
N GLY A 22 5.77 2.20 -14.93
CA GLY A 22 6.09 0.91 -15.49
C GLY A 22 4.87 0.15 -15.96
N ARG A 23 5.08 -0.94 -16.67
CA ARG A 23 3.99 -1.75 -17.18
C ARG A 23 3.67 -2.90 -16.21
C ACE A 1 11.84 2.80 3.21
O ACE A 1 11.25 3.50 2.37
CH3 ACE A 1 12.78 3.40 4.20
H1 ACE A 1 13.72 2.88 4.15
H2 ACE A 1 12.38 3.31 5.19
H3 ACE A 1 12.91 4.46 3.97
N MET A 2 11.67 1.48 3.28
CA MET A 2 10.79 0.77 2.36
C MET A 2 9.40 0.59 2.98
N ASN A 3 8.44 1.37 2.52
CA ASN A 3 7.08 1.28 3.04
C ASN A 3 6.24 0.34 2.17
N TRP A 4 5.77 -0.73 2.79
CA TRP A 4 4.94 -1.70 2.14
C TRP A 4 4.32 -2.61 3.16
N THR A 5 5.13 -3.50 3.74
CA THR A 5 4.68 -4.46 4.73
C THR A 5 3.22 -4.85 4.51
N GLY A 6 2.80 -4.82 3.24
CA GLY A 6 1.42 -5.12 2.91
C GLY A 6 1.21 -5.43 1.44
N LEU A 7 2.22 -6.00 0.79
CA LEU A 7 2.13 -6.33 -0.63
C LEU A 7 2.15 -7.85 -0.86
N TYR A 8 1.83 -8.60 0.17
CA TYR A 8 1.82 -10.05 0.10
C TYR A 8 0.47 -10.62 0.57
N THR A 9 -0.08 -10.01 1.62
CA THR A 9 -1.36 -10.43 2.16
C THR A 9 -2.20 -9.24 2.59
N LEU A 10 -1.77 -8.05 2.20
CA LEU A 10 -2.49 -6.83 2.55
C LEU A 10 -2.49 -5.84 1.40
N LEU A 11 -2.14 -6.33 0.21
CA LEU A 11 -2.11 -5.51 -0.99
C LEU A 11 -3.31 -4.58 -1.06
N SER A 12 -4.48 -5.15 -1.32
CA SER A 12 -5.70 -4.36 -1.40
C SER A 12 -6.07 -3.80 -0.03
N ARG A 13 -5.36 -4.26 0.99
CA ARG A 13 -5.59 -3.82 2.36
C ARG A 13 -4.57 -2.76 2.76
N VAL A 14 -3.81 -2.30 1.79
CA VAL A 14 -2.77 -1.28 2.02
C VAL A 14 -2.67 -0.35 0.82
N ASN A 15 -3.22 0.84 0.97
CA ASN A 15 -3.18 1.85 -0.10
C ASN A 15 -1.77 1.97 -0.67
N ARG A 16 -1.55 1.33 -1.82
CA ARG A 16 -0.25 1.36 -2.47
C ARG A 16 0.17 2.78 -2.80
N HIS A 17 -0.81 3.62 -3.14
CA HIS A 17 -0.55 5.01 -3.49
C HIS A 17 -0.79 5.92 -2.28
N SER A 18 -0.52 7.21 -2.47
CA SER A 18 -0.70 8.20 -1.41
C SER A 18 0.17 7.87 -0.19
N THR A 19 1.29 8.57 -0.08
CA THR A 19 2.21 8.35 1.03
C THR A 19 1.59 8.78 2.36
N ALA A 20 0.98 9.97 2.37
CA ALA A 20 0.34 10.50 3.56
C ALA A 20 1.33 10.61 4.72
N ILE A 21 2.62 10.66 4.38
CA ILE A 21 3.66 10.78 5.38
C ILE A 21 3.95 12.24 5.72
N GLY A 22 3.65 12.62 6.96
CA GLY A 22 3.87 13.99 7.39
C GLY A 22 3.94 14.12 8.90
N ARG A 23 5.15 14.01 9.44
CA ARG A 23 5.36 14.11 10.88
C ARG A 23 5.17 15.55 11.36
C ACE A 1 9.38 2.10 7.78
O ACE A 1 8.77 2.77 6.96
CH3 ACE A 1 10.06 2.76 8.96
H1 ACE A 1 11.11 2.87 8.74
H2 ACE A 1 9.94 2.14 9.83
H3 ACE A 1 9.59 3.72 9.14
N MET A 2 9.50 0.78 7.71
CA MET A 2 8.90 0.02 6.63
C MET A 2 7.48 -0.43 6.99
N ASN A 3 6.48 0.20 6.38
CA ASN A 3 5.09 -0.15 6.65
C ASN A 3 4.45 -0.74 5.40
N TRP A 4 5.26 -1.23 4.48
CA TRP A 4 4.74 -1.83 3.26
C TRP A 4 4.15 -3.19 3.55
N THR A 5 4.35 -3.66 4.77
CA THR A 5 3.84 -4.96 5.17
C THR A 5 2.36 -5.08 4.82
N GLY A 6 2.09 -5.42 3.56
CA GLY A 6 0.72 -5.53 3.10
C GLY A 6 0.59 -5.35 1.59
N LEU A 7 1.66 -5.62 0.85
CA LEU A 7 1.66 -5.50 -0.60
C LEU A 7 1.85 -6.87 -1.25
N TYR A 8 1.69 -7.91 -0.45
CA TYR A 8 1.87 -9.28 -0.92
C TYR A 8 0.78 -10.22 -0.42
N THR A 9 0.54 -10.24 0.89
CA THR A 9 -0.46 -11.12 1.48
C THR A 9 -1.72 -10.37 1.91
N LEU A 10 -1.69 -9.06 1.79
CA LEU A 10 -2.84 -8.23 2.17
C LEU A 10 -3.27 -7.36 1.01
N LEU A 11 -2.30 -6.67 0.44
CA LEU A 11 -2.51 -5.78 -0.69
C LEU A 11 -3.40 -4.60 -0.33
N SER A 12 -4.68 -4.86 -0.07
CA SER A 12 -5.62 -3.81 0.30
C SER A 12 -5.17 -3.10 1.57
N ARG A 13 -4.16 -3.67 2.23
CA ARG A 13 -3.63 -3.10 3.46
C ARG A 13 -2.63 -1.99 3.15
N VAL A 14 -2.45 -1.72 1.87
CA VAL A 14 -1.53 -0.69 1.42
C VAL A 14 -2.06 0.00 0.18
N ASN A 15 -2.63 1.19 0.36
CA ASN A 15 -3.17 1.96 -0.75
C ASN A 15 -2.12 2.15 -1.84
N ARG A 16 -2.16 1.27 -2.84
CA ARG A 16 -1.20 1.32 -3.94
C ARG A 16 -1.35 2.63 -4.72
N HIS A 17 -0.25 3.38 -4.82
CA HIS A 17 -0.25 4.65 -5.53
C HIS A 17 -0.13 4.42 -7.03
N SER A 18 -0.82 5.25 -7.82
CA SER A 18 -0.81 5.16 -9.27
C SER A 18 -1.10 3.73 -9.73
N THR A 19 -0.83 3.46 -11.01
CA THR A 19 -1.06 2.14 -11.57
C THR A 19 0.26 1.38 -11.75
N ALA A 20 1.35 2.13 -11.91
CA ALA A 20 2.67 1.52 -12.08
C ALA A 20 3.58 1.85 -10.91
N ILE A 21 4.79 1.31 -10.94
CA ILE A 21 5.77 1.55 -9.88
C ILE A 21 6.69 2.71 -10.23
N GLY A 22 7.00 3.53 -9.24
CA GLY A 22 7.87 4.67 -9.47
C GLY A 22 9.34 4.31 -9.34
N ARG A 23 9.78 4.04 -8.12
CA ARG A 23 11.17 3.67 -7.86
C ARG A 23 11.26 2.64 -6.74
C ACE A 1 9.63 1.66 1.17
O ACE A 1 9.34 0.86 0.27
CH3 ACE A 1 9.83 3.12 0.85
H1 ACE A 1 10.32 3.58 1.70
H2 ACE A 1 8.88 3.59 0.69
H3 ACE A 1 10.43 3.20 -0.05
N MET A 2 9.77 1.31 2.43
CA MET A 2 9.60 -0.08 2.87
C MET A 2 8.19 -0.31 3.41
N ASN A 3 7.25 0.53 3.01
CA ASN A 3 5.86 0.41 3.47
C ASN A 3 5.19 -0.80 2.84
N TRP A 4 5.92 -1.51 1.97
CA TRP A 4 5.38 -2.68 1.31
C TRP A 4 4.68 -3.59 2.31
N THR A 5 5.11 -3.51 3.57
CA THR A 5 4.55 -4.33 4.63
C THR A 5 3.07 -4.58 4.38
N GLY A 6 2.79 -5.64 3.64
CA GLY A 6 1.43 -5.98 3.29
C GLY A 6 1.31 -6.51 1.88
N LEU A 7 2.45 -6.60 1.19
CA LEU A 7 2.47 -7.08 -0.20
C LEU A 7 2.32 -8.60 -0.29
N TYR A 8 1.83 -9.18 0.79
CA TYR A 8 1.64 -10.63 0.86
C TYR A 8 0.22 -10.99 1.29
N THR A 9 -0.36 -10.16 2.15
CA THR A 9 -1.72 -10.41 2.64
C THR A 9 -2.51 -9.12 2.82
N LEU A 10 -1.94 -8.02 2.34
CA LEU A 10 -2.58 -6.72 2.45
C LEU A 10 -2.32 -5.86 1.22
N LEU A 11 -1.89 -6.51 0.14
CA LEU A 11 -1.60 -5.84 -1.12
C LEU A 11 -2.65 -4.80 -1.45
N SER A 12 -3.87 -5.26 -1.70
CA SER A 12 -4.98 -4.36 -2.02
C SER A 12 -5.52 -3.73 -0.74
N ARG A 13 -4.65 -3.66 0.27
CA ARG A 13 -5.01 -3.10 1.57
C ARG A 13 -3.89 -2.18 2.08
N VAL A 14 -2.89 -1.94 1.23
CA VAL A 14 -1.76 -1.11 1.61
C VAL A 14 -2.11 0.37 1.45
N ASN A 15 -3.30 0.62 0.94
CA ASN A 15 -3.78 1.99 0.72
C ASN A 15 -2.79 2.79 -0.10
N ARG A 16 -2.95 2.73 -1.42
CA ARG A 16 -2.06 3.45 -2.33
C ARG A 16 -2.69 4.76 -2.79
N HIS A 17 -3.85 4.65 -3.46
CA HIS A 17 -4.55 5.83 -3.96
C HIS A 17 -5.48 6.40 -2.90
N SER A 18 -5.32 5.93 -1.66
CA SER A 18 -6.15 6.39 -0.55
C SER A 18 -6.00 7.90 -0.34
N THR A 19 -7.12 8.59 -0.26
CA THR A 19 -7.11 10.04 -0.05
C THR A 19 -6.42 10.75 -1.21
N ALA A 20 -7.20 11.26 -2.14
CA ALA A 20 -6.66 11.98 -3.30
C ALA A 20 -6.57 13.47 -3.03
N ILE A 21 -5.73 14.15 -3.82
CA ILE A 21 -5.55 15.59 -3.67
C ILE A 21 -6.60 16.36 -4.46
N GLY A 22 -7.21 17.35 -3.82
CA GLY A 22 -8.23 18.15 -4.48
C GLY A 22 -9.09 18.92 -3.50
N ARG A 23 -10.31 19.23 -3.92
CA ARG A 23 -11.24 19.97 -3.07
C ARG A 23 -12.22 19.03 -2.38
C ACE A 1 10.88 3.10 2.98
O ACE A 1 10.26 3.42 1.95
CH3 ACE A 1 11.72 4.11 3.71
H1 ACE A 1 12.59 3.61 4.12
H2 ACE A 1 11.15 4.55 4.51
H3 ACE A 1 12.01 4.90 3.01
N MET A 2 10.84 1.89 3.51
CA MET A 2 10.06 0.82 2.90
C MET A 2 8.69 0.70 3.55
N ASN A 3 7.63 0.77 2.75
CA ASN A 3 6.28 0.67 3.25
C ASN A 3 5.53 -0.49 2.60
N TRP A 4 6.25 -1.29 1.81
CA TRP A 4 5.63 -2.42 1.14
C TRP A 4 4.84 -3.26 2.12
N THR A 5 5.18 -3.13 3.41
CA THR A 5 4.53 -3.88 4.46
C THR A 5 3.04 -4.03 4.15
N GLY A 6 2.73 -5.10 3.43
CA GLY A 6 1.36 -5.34 3.03
C GLY A 6 1.28 -5.77 1.57
N LEU A 7 2.35 -6.38 1.08
CA LEU A 7 2.43 -6.84 -0.30
C LEU A 7 2.30 -8.36 -0.36
N TYR A 8 1.85 -8.94 0.75
CA TYR A 8 1.72 -10.38 0.86
C TYR A 8 0.34 -10.81 1.37
N THR A 9 -0.05 -10.31 2.54
CA THR A 9 -1.33 -10.67 3.14
C THR A 9 -2.29 -9.49 3.17
N LEU A 10 -2.03 -8.49 2.34
CA LEU A 10 -2.89 -7.31 2.30
C LEU A 10 -3.06 -6.79 0.88
N LEU A 11 -1.95 -6.49 0.26
CA LEU A 11 -1.92 -5.97 -1.10
C LEU A 11 -3.02 -4.95 -1.35
N SER A 12 -4.20 -5.43 -1.73
CA SER A 12 -5.34 -4.55 -2.00
C SER A 12 -5.82 -3.88 -0.70
N ARG A 13 -5.15 -4.20 0.40
CA ARG A 13 -5.52 -3.62 1.69
C ARG A 13 -4.46 -2.61 2.14
N VAL A 14 -3.64 -2.18 1.20
CA VAL A 14 -2.58 -1.22 1.47
C VAL A 14 -2.70 0.01 0.58
N ASN A 15 -3.49 0.99 1.04
CA ASN A 15 -3.68 2.22 0.29
C ASN A 15 -2.34 2.88 -0.04
N ARG A 16 -1.86 2.63 -1.26
CA ARG A 16 -0.59 3.19 -1.70
C ARG A 16 -0.56 4.71 -1.55
N HIS A 17 -1.72 5.33 -1.79
CA HIS A 17 -1.83 6.78 -1.69
C HIS A 17 -2.43 7.18 -0.34
N SER A 18 -3.77 7.12 -0.26
CA SER A 18 -4.47 7.48 0.96
C SER A 18 -5.84 6.82 1.02
N THR A 19 -6.79 7.39 0.27
CA THR A 19 -8.15 6.86 0.24
C THR A 19 -8.88 7.30 -1.03
N ALA A 20 -9.20 8.58 -1.11
CA ALA A 20 -9.89 9.14 -2.27
C ALA A 20 -9.36 10.51 -2.63
N ILE A 21 -9.93 11.11 -3.67
CA ILE A 21 -9.51 12.43 -4.13
C ILE A 21 -10.55 13.48 -3.76
N GLY A 22 -10.09 14.61 -3.25
CA GLY A 22 -10.99 15.69 -2.86
C GLY A 22 -11.52 15.53 -1.45
N ARG A 23 -11.32 16.56 -0.63
CA ARG A 23 -11.78 16.52 0.75
C ARG A 23 -11.83 17.93 1.33
C ACE A 1 11.81 2.50 2.58
O ACE A 1 11.88 2.36 1.36
CH3 ACE A 1 12.57 3.58 3.29
H1 ACE A 1 12.04 4.53 3.14
H2 ACE A 1 13.56 3.65 2.88
H3 ACE A 1 12.63 3.34 4.35
N MET A 2 11.06 1.71 3.35
CA MET A 2 10.27 0.62 2.78
C MET A 2 8.94 0.45 3.52
N ASN A 3 7.84 0.60 2.79
CA ASN A 3 6.51 0.47 3.37
C ASN A 3 5.69 -0.55 2.59
N TRP A 4 6.36 -1.45 1.89
CA TRP A 4 5.68 -2.47 1.13
C TRP A 4 4.91 -3.39 2.06
N THR A 5 5.36 -3.42 3.31
CA THR A 5 4.75 -4.27 4.32
C THR A 5 3.25 -4.42 4.09
N GLY A 6 2.89 -5.39 3.26
CA GLY A 6 1.50 -5.61 2.96
C GLY A 6 1.28 -6.29 1.61
N LEU A 7 2.35 -6.45 0.84
CA LEU A 7 2.26 -7.08 -0.48
C LEU A 7 2.12 -8.59 -0.38
N TYR A 8 1.79 -9.07 0.81
CA TYR A 8 1.65 -10.50 1.04
C TYR A 8 0.37 -10.82 1.82
N THR A 9 -0.14 -9.84 2.57
CA THR A 9 -1.36 -10.04 3.35
C THR A 9 -2.21 -8.78 3.40
N LEU A 10 -1.80 -7.76 2.67
CA LEU A 10 -2.52 -6.49 2.66
C LEU A 10 -2.55 -5.89 1.26
N LEU A 11 -2.10 -6.64 0.27
CA LEU A 11 -2.08 -6.17 -1.11
C LEU A 11 -3.47 -5.67 -1.51
N SER A 12 -3.51 -4.60 -2.29
CA SER A 12 -4.78 -4.02 -2.72
C SER A 12 -5.57 -3.57 -1.49
N ARG A 13 -4.91 -3.62 -0.35
CA ARG A 13 -5.50 -3.22 0.92
C ARG A 13 -4.55 -2.32 1.69
N VAL A 14 -3.36 -2.13 1.14
CA VAL A 14 -2.33 -1.30 1.77
C VAL A 14 -2.70 0.18 1.68
N ASN A 15 -3.77 0.46 0.95
CA ASN A 15 -4.23 1.83 0.76
C ASN A 15 -3.13 2.72 0.22
N ARG A 16 -2.14 2.10 -0.43
CA ARG A 16 -1.02 2.82 -1.00
C ARG A 16 -1.46 3.69 -2.17
N HIS A 17 -1.81 3.05 -3.28
CA HIS A 17 -2.25 3.76 -4.48
C HIS A 17 -1.17 4.69 -4.99
N SER A 18 -1.53 5.56 -5.93
CA SER A 18 -0.58 6.50 -6.51
C SER A 18 0.05 7.37 -5.42
N THR A 19 1.37 7.55 -5.51
CA THR A 19 2.10 8.35 -4.54
C THR A 19 1.99 9.84 -4.86
N ALA A 20 2.14 10.68 -3.84
CA ALA A 20 2.06 12.12 -4.02
C ALA A 20 2.96 12.85 -3.03
N ILE A 21 3.85 13.68 -3.56
CA ILE A 21 4.77 14.43 -2.71
C ILE A 21 5.10 15.79 -3.33
N GLY A 22 5.14 16.82 -2.50
CA GLY A 22 5.45 18.15 -2.99
C GLY A 22 4.40 18.68 -3.95
N ARG A 23 3.21 18.11 -3.87
CA ARG A 23 2.11 18.53 -4.74
C ARG A 23 1.22 19.57 -4.06
C ACE A 1 9.04 1.93 8.38
O ACE A 1 8.39 2.61 7.59
CH3 ACE A 1 9.68 2.54 9.58
H1 ACE A 1 10.75 2.58 9.42
H2 ACE A 1 9.48 1.94 10.45
H3 ACE A 1 9.27 3.53 9.72
N MET A 2 9.23 0.62 8.21
CA MET A 2 8.67 -0.10 7.08
C MET A 2 7.27 -0.60 7.39
N ASN A 3 6.26 0.02 6.77
CA ASN A 3 4.88 -0.37 6.99
C ASN A 3 4.26 -0.91 5.70
N TRP A 4 5.12 -1.36 4.79
CA TRP A 4 4.64 -1.91 3.53
C TRP A 4 4.01 -3.27 3.74
N THR A 5 4.17 -3.78 4.95
CA THR A 5 3.64 -5.08 5.29
C THR A 5 2.18 -5.19 4.85
N GLY A 6 1.97 -5.54 3.59
CA GLY A 6 0.64 -5.66 3.06
C GLY A 6 0.56 -5.47 1.55
N LEU A 7 1.71 -5.61 0.87
CA LEU A 7 1.77 -5.48 -0.58
C LEU A 7 1.95 -6.84 -1.23
N TYR A 8 1.70 -7.88 -0.46
CA TYR A 8 1.87 -9.25 -0.94
C TYR A 8 0.74 -10.17 -0.47
N THR A 9 0.48 -10.19 0.83
CA THR A 9 -0.55 -11.07 1.39
C THR A 9 -1.76 -10.29 1.92
N LEU A 10 -1.97 -9.09 1.39
CA LEU A 10 -3.09 -8.26 1.81
C LEU A 10 -3.51 -7.32 0.71
N LEU A 11 -2.54 -6.58 0.22
CA LEU A 11 -2.72 -5.63 -0.87
C LEU A 11 -3.78 -4.57 -0.52
N SER A 12 -4.30 -4.64 0.69
CA SER A 12 -5.29 -3.67 1.14
C SER A 12 -4.66 -2.78 2.21
N ARG A 13 -3.37 -3.01 2.43
CA ARG A 13 -2.60 -2.26 3.41
C ARG A 13 -1.57 -1.38 2.72
N VAL A 14 -1.62 -1.37 1.40
CA VAL A 14 -0.69 -0.56 0.60
C VAL A 14 -1.42 0.60 -0.06
N ASN A 15 -2.73 0.62 0.09
CA ASN A 15 -3.55 1.67 -0.50
C ASN A 15 -3.34 1.72 -2.01
N ARG A 16 -2.69 0.69 -2.55
CA ARG A 16 -2.41 0.59 -3.98
C ARG A 16 -1.61 1.79 -4.46
N HIS A 17 -1.33 1.82 -5.75
CA HIS A 17 -0.56 2.91 -6.35
C HIS A 17 0.80 3.06 -5.68
N SER A 18 1.53 4.11 -6.06
CA SER A 18 2.84 4.38 -5.49
C SER A 18 2.80 5.56 -4.54
N THR A 19 3.16 5.32 -3.28
CA THR A 19 3.16 6.37 -2.26
C THR A 19 4.49 6.40 -1.51
N ALA A 20 5.20 5.28 -1.54
CA ALA A 20 6.49 5.17 -0.85
C ALA A 20 7.45 4.28 -1.62
N ILE A 21 8.67 4.15 -1.11
CA ILE A 21 9.68 3.32 -1.75
C ILE A 21 9.57 1.87 -1.31
N GLY A 22 9.20 1.00 -2.24
CA GLY A 22 9.05 -0.40 -1.93
C GLY A 22 10.25 -1.23 -2.40
N ARG A 23 10.14 -1.79 -3.61
CA ARG A 23 11.21 -2.60 -4.16
C ARG A 23 11.36 -2.34 -5.66
C ACE A 1 13.17 1.09 2.20
O ACE A 1 12.54 1.70 1.33
CH3 ACE A 1 13.98 1.82 3.23
H1 ACE A 1 13.34 2.53 3.74
H2 ACE A 1 14.78 2.35 2.73
H3 ACE A 1 14.40 1.10 3.92
N MET A 2 13.16 -0.23 2.29
CA MET A 2 12.41 -1.07 1.36
C MET A 2 10.93 -1.11 1.73
N ASN A 3 10.12 -0.32 1.02
CA ASN A 3 8.69 -0.27 1.30
C ASN A 3 7.94 -1.35 0.52
N TRP A 4 7.07 -2.05 1.22
CA TRP A 4 6.25 -3.10 0.64
C TRP A 4 5.34 -3.69 1.68
N THR A 5 5.81 -3.68 2.93
CA THR A 5 5.06 -4.23 4.04
C THR A 5 3.56 -4.23 3.77
N GLY A 6 3.11 -5.27 3.07
CA GLY A 6 1.70 -5.37 2.73
C GLY A 6 1.46 -6.31 1.56
N LEU A 7 2.53 -6.76 0.91
CA LEU A 7 2.41 -7.67 -0.23
C LEU A 7 2.11 -9.10 0.19
N TYR A 8 1.69 -9.27 1.43
CA TYR A 8 1.37 -10.59 1.96
C TYR A 8 0.00 -10.61 2.65
N THR A 9 -0.42 -9.46 3.17
CA THR A 9 -1.71 -9.37 3.85
C THR A 9 -2.37 -8.01 3.64
N LEU A 10 -1.86 -7.24 2.68
CA LEU A 10 -2.42 -5.92 2.39
C LEU A 10 -2.28 -5.57 0.91
N LEU A 11 -1.92 -6.58 0.12
CA LEU A 11 -1.76 -6.42 -1.32
C LEU A 11 -2.85 -5.53 -1.91
N SER A 12 -4.06 -6.07 -1.97
CA SER A 12 -5.20 -5.33 -2.50
C SER A 12 -5.73 -4.34 -1.45
N ARG A 13 -5.09 -4.35 -0.29
CA ARG A 13 -5.48 -3.46 0.81
C ARG A 13 -4.50 -2.31 0.96
N VAL A 14 -3.68 -2.09 -0.08
CA VAL A 14 -2.70 -1.03 -0.07
C VAL A 14 -3.37 0.35 -0.07
N ASN A 15 -3.09 1.13 -1.09
CA ASN A 15 -3.65 2.47 -1.21
C ASN A 15 -3.30 3.32 0.00
N ARG A 16 -2.19 2.98 0.65
CA ARG A 16 -1.73 3.71 1.83
C ARG A 16 -2.71 3.58 2.98
N HIS A 17 -3.77 4.39 2.96
CA HIS A 17 -4.78 4.36 4.01
C HIS A 17 -5.79 3.24 3.75
N SER A 18 -6.65 3.44 2.75
CA SER A 18 -7.66 2.45 2.40
C SER A 18 -8.59 2.18 3.58
N THR A 19 -8.53 3.04 4.60
CA THR A 19 -9.36 2.89 5.77
C THR A 19 -10.53 3.87 5.74
N ALA A 20 -10.33 5.00 5.09
CA ALA A 20 -11.37 6.02 4.98
C ALA A 20 -12.02 6.00 3.60
N ILE A 21 -13.31 5.68 3.57
CA ILE A 21 -14.04 5.62 2.32
C ILE A 21 -14.24 7.01 1.72
N GLY A 22 -14.30 7.08 0.40
CA GLY A 22 -14.49 8.36 -0.27
C GLY A 22 -13.17 8.99 -0.69
N ARG A 23 -12.82 10.11 -0.08
CA ARG A 23 -11.58 10.81 -0.39
C ARG A 23 -10.37 9.99 0.03
C ACE A 1 12.15 1.73 1.95
O ACE A 1 11.45 1.64 0.94
CH3 ACE A 1 13.16 2.85 2.10
H1 ACE A 1 14.15 2.42 2.01
H2 ACE A 1 13.04 3.31 3.06
H3 ACE A 1 12.98 3.58 1.32
N MET A 2 12.09 0.87 2.96
CA MET A 2 11.17 -0.25 2.95
C MET A 2 9.86 0.10 3.66
N ASN A 3 8.76 0.12 2.91
CA ASN A 3 7.46 0.45 3.47
C ASN A 3 6.40 -0.55 3.00
N TRP A 4 6.75 -1.36 2.01
CA TRP A 4 5.81 -2.33 1.45
C TRP A 4 4.89 -2.88 2.52
N THR A 5 5.43 -3.72 3.40
CA THR A 5 4.66 -4.34 4.47
C THR A 5 3.18 -4.41 4.11
N GLY A 6 2.89 -4.70 2.84
CA GLY A 6 1.53 -4.77 2.37
C GLY A 6 1.40 -5.40 1.00
N LEU A 7 2.32 -6.30 0.68
CA LEU A 7 2.30 -7.00 -0.61
C LEU A 7 2.10 -8.50 -0.43
N TYR A 8 1.64 -8.89 0.74
CA TYR A 8 1.42 -10.29 1.06
C TYR A 8 0.09 -10.53 1.78
N THR A 9 -0.18 -9.73 2.81
CA THR A 9 -1.42 -9.86 3.58
C THR A 9 -2.31 -8.64 3.41
N LEU A 10 -1.97 -7.79 2.45
CA LEU A 10 -2.74 -6.59 2.20
C LEU A 10 -2.93 -6.34 0.73
N LEU A 11 -1.83 -6.19 0.03
CA LEU A 11 -1.83 -5.92 -1.41
C LEU A 11 -2.85 -4.84 -1.77
N SER A 12 -4.09 -5.26 -1.98
CA SER A 12 -5.16 -4.32 -2.31
C SER A 12 -5.81 -3.80 -1.03
N ARG A 13 -5.08 -3.92 0.07
CA ARG A 13 -5.57 -3.47 1.38
C ARG A 13 -4.54 -2.58 2.05
N VAL A 14 -3.47 -2.28 1.33
CA VAL A 14 -2.40 -1.44 1.85
C VAL A 14 -2.68 0.04 1.58
N ASN A 15 -3.77 0.29 0.88
CA ASN A 15 -4.16 1.64 0.52
C ASN A 15 -3.04 2.32 -0.27
N ARG A 16 -2.08 1.53 -0.72
CA ARG A 16 -0.95 2.02 -1.49
C ARG A 16 -0.17 3.09 -0.73
N HIS A 17 -0.63 4.34 -0.85
CA HIS A 17 0.01 5.45 -0.17
C HIS A 17 -1.02 6.39 0.44
N SER A 18 -0.65 7.03 1.56
CA SER A 18 -1.55 7.94 2.24
C SER A 18 -0.76 9.11 2.84
N THR A 19 -1.18 10.34 2.49
CA THR A 19 -0.51 11.53 3.00
C THR A 19 -0.91 11.81 4.44
N ALA A 20 -1.94 11.10 4.91
CA ALA A 20 -2.42 11.27 6.27
C ALA A 20 -2.94 12.69 6.52
N ILE A 21 -4.26 12.84 6.58
CA ILE A 21 -4.87 14.14 6.81
C ILE A 21 -4.95 14.46 8.30
N GLY A 22 -4.14 13.77 9.09
CA GLY A 22 -4.12 14.00 10.52
C GLY A 22 -2.72 14.17 11.07
N ARG A 23 -1.78 13.40 10.53
CA ARG A 23 -0.39 13.45 10.97
C ARG A 23 -0.27 13.16 12.46
C ACE A 1 12.00 1.60 4.30
O ACE A 1 11.78 0.96 5.32
CH3 ACE A 1 12.84 2.85 4.34
H1 ACE A 1 12.27 3.67 3.93
H2 ACE A 1 13.73 2.69 3.76
H3 ACE A 1 13.12 3.04 5.37
N MET A 2 11.53 1.26 3.10
CA MET A 2 10.69 0.08 2.90
C MET A 2 9.43 0.15 3.76
N ASN A 3 8.34 0.59 3.15
CA ASN A 3 7.06 0.71 3.85
C ASN A 3 6.06 -0.32 3.35
N TRP A 4 6.41 -1.01 2.25
CA TRP A 4 5.53 -1.99 1.66
C TRP A 4 4.70 -2.70 2.71
N THR A 5 5.38 -3.50 3.55
CA THR A 5 4.72 -4.26 4.61
C THR A 5 3.23 -4.43 4.32
N GLY A 6 2.91 -4.76 3.08
CA GLY A 6 1.51 -4.91 2.70
C GLY A 6 1.34 -5.44 1.28
N LEU A 7 2.33 -6.16 0.78
CA LEU A 7 2.28 -6.73 -0.57
C LEU A 7 2.18 -8.24 -0.56
N TYR A 8 1.78 -8.79 0.57
CA TYR A 8 1.65 -10.24 0.72
C TYR A 8 0.21 -10.62 1.08
N THR A 9 -0.38 -9.87 2.01
CA THR A 9 -1.74 -10.13 2.43
C THR A 9 -2.50 -8.81 2.66
N LEU A 10 -1.85 -7.72 2.33
CA LEU A 10 -2.45 -6.39 2.49
C LEU A 10 -2.38 -5.61 1.19
N LEU A 11 -2.04 -6.28 0.10
CA LEU A 11 -1.96 -5.66 -1.22
C LEU A 11 -3.13 -4.73 -1.46
N SER A 12 -4.33 -5.28 -1.52
CA SER A 12 -5.53 -4.50 -1.74
C SER A 12 -6.05 -3.97 -0.41
N ARG A 13 -5.21 -4.04 0.61
CA ARG A 13 -5.58 -3.57 1.94
C ARG A 13 -4.54 -2.59 2.47
N VAL A 14 -3.61 -2.18 1.61
CA VAL A 14 -2.57 -1.24 2.01
C VAL A 14 -2.76 0.12 1.34
N ASN A 15 -3.69 0.17 0.40
CA ASN A 15 -3.97 1.39 -0.34
C ASN A 15 -2.69 1.95 -0.96
N ARG A 16 -1.67 1.09 -1.04
CA ARG A 16 -0.38 1.48 -1.61
C ARG A 16 0.20 2.69 -0.87
N HIS A 17 1.31 3.21 -1.39
CA HIS A 17 1.97 4.36 -0.80
C HIS A 17 2.36 4.08 0.65
N SER A 18 2.82 5.12 1.34
CA SER A 18 3.22 4.98 2.74
C SER A 18 2.25 5.69 3.67
N THR A 19 1.29 4.93 4.21
CA THR A 19 0.29 5.48 5.12
C THR A 19 -0.67 6.42 4.39
N ALA A 20 -0.35 6.75 3.14
CA ALA A 20 -1.18 7.64 2.34
C ALA A 20 -1.34 9.00 3.02
N ILE A 21 -2.08 9.90 2.36
CA ILE A 21 -2.32 11.24 2.88
C ILE A 21 -1.02 12.04 2.96
N GLY A 22 -1.05 13.25 2.41
CA GLY A 22 0.13 14.11 2.43
C GLY A 22 0.90 14.04 1.13
N ARG A 23 2.17 14.46 1.19
CA ARG A 23 3.03 14.45 0.00
C ARG A 23 3.44 13.03 -0.36
C ACE A 1 13.05 -0.14 3.38
O ACE A 1 12.60 -1.22 3.79
CH3 ACE A 1 14.05 0.63 4.19
H1 ACE A 1 15.02 0.55 3.70
H2 ACE A 1 14.11 0.22 5.18
H3 ACE A 1 13.73 1.67 4.25
N MET A 2 12.68 0.40 2.22
CA MET A 2 11.71 -0.25 1.33
C MET A 2 10.36 -0.41 2.03
N ASN A 3 9.42 0.47 1.71
CA ASN A 3 8.10 0.41 2.31
C ASN A 3 7.16 -0.45 1.48
N TRP A 4 6.54 -1.41 2.12
CA TRP A 4 5.61 -2.31 1.47
C TRP A 4 4.83 -3.08 2.51
N THR A 5 5.55 -3.84 3.34
CA THR A 5 4.96 -4.66 4.39
C THR A 5 3.46 -4.80 4.21
N GLY A 6 3.05 -5.29 3.05
CA GLY A 6 1.64 -5.44 2.76
C GLY A 6 1.36 -6.22 1.48
N LEU A 7 2.33 -6.28 0.58
CA LEU A 7 2.17 -6.97 -0.69
C LEU A 7 2.01 -8.50 -0.54
N TYR A 8 1.67 -8.94 0.66
CA TYR A 8 1.49 -10.37 0.90
C TYR A 8 0.23 -10.65 1.74
N THR A 9 -0.20 -9.67 2.53
CA THR A 9 -1.39 -9.83 3.36
C THR A 9 -2.19 -8.54 3.44
N LEU A 10 -1.79 -7.56 2.64
CA LEU A 10 -2.46 -6.25 2.62
C LEU A 10 -2.35 -5.61 1.24
N LEU A 11 -1.93 -6.39 0.26
CA LEU A 11 -1.78 -5.91 -1.11
C LEU A 11 -3.10 -5.34 -1.62
N SER A 12 -4.18 -6.05 -1.36
CA SER A 12 -5.51 -5.60 -1.76
C SER A 12 -6.11 -4.75 -0.65
N ARG A 13 -5.23 -4.35 0.27
CA ARG A 13 -5.62 -3.54 1.41
C ARG A 13 -4.64 -2.39 1.64
N VAL A 14 -3.76 -2.16 0.66
CA VAL A 14 -2.76 -1.12 0.76
C VAL A 14 -3.02 0.00 -0.24
N ASN A 15 -3.80 0.98 0.18
CA ASN A 15 -4.11 2.12 -0.68
C ASN A 15 -2.87 3.00 -0.83
N ARG A 16 -1.75 2.51 -0.28
CA ARG A 16 -0.48 3.21 -0.33
C ARG A 16 -0.55 4.53 0.43
N HIS A 17 0.54 5.28 0.40
CA HIS A 17 0.61 6.56 1.09
C HIS A 17 0.31 7.70 0.13
N SER A 18 -0.30 8.77 0.67
CA SER A 18 -0.65 9.93 -0.14
C SER A 18 0.61 10.67 -0.61
N THR A 19 0.43 11.59 -1.55
CA THR A 19 1.55 12.36 -2.08
C THR A 19 1.95 13.48 -1.12
N ALA A 20 3.23 13.81 -1.11
CA ALA A 20 3.76 14.85 -0.24
C ALA A 20 3.69 16.21 -0.93
N ILE A 21 3.36 17.24 -0.16
CA ILE A 21 3.27 18.59 -0.68
C ILE A 21 4.61 19.33 -0.57
N GLY A 22 4.94 20.10 -1.60
CA GLY A 22 6.19 20.83 -1.59
C GLY A 22 6.15 22.04 -0.66
N ARG A 23 6.81 21.91 0.48
CA ARG A 23 6.85 22.98 1.47
C ARG A 23 8.24 23.61 1.54
C ACE A 1 11.22 2.18 2.34
O ACE A 1 10.33 2.25 1.50
CH3 ACE A 1 12.19 3.31 2.53
H1 ACE A 1 11.81 3.97 3.31
H2 ACE A 1 12.27 3.87 1.61
H3 ACE A 1 13.16 2.90 2.80
N MET A 2 11.41 1.11 3.12
CA MET A 2 10.53 -0.05 3.03
C MET A 2 9.22 0.19 3.75
N ASN A 3 8.16 0.45 2.98
CA ASN A 3 6.84 0.69 3.55
C ASN A 3 5.86 -0.39 3.15
N TRP A 4 6.20 -1.13 2.08
CA TRP A 4 5.33 -2.18 1.58
C TRP A 4 4.58 -2.86 2.70
N THR A 5 5.29 -3.66 3.51
CA THR A 5 4.69 -4.40 4.61
C THR A 5 3.21 -4.64 4.36
N GLY A 6 2.86 -4.93 3.11
CA GLY A 6 1.48 -5.15 2.76
C GLY A 6 1.30 -5.69 1.35
N LEU A 7 2.29 -6.46 0.88
CA LEU A 7 2.22 -7.04 -0.46
C LEU A 7 2.15 -8.57 -0.40
N TYR A 8 1.66 -9.08 0.71
CA TYR A 8 1.52 -10.52 0.91
C TYR A 8 0.12 -10.86 1.41
N THR A 9 -0.39 -10.05 2.34
CA THR A 9 -1.71 -10.27 2.90
C THR A 9 -2.47 -8.95 3.01
N LEU A 10 -1.91 -7.91 2.42
CA LEU A 10 -2.52 -6.59 2.45
C LEU A 10 -2.32 -5.86 1.13
N LEU A 11 -2.08 -6.63 0.07
CA LEU A 11 -1.89 -6.08 -1.27
C LEU A 11 -2.83 -4.91 -1.54
N SER A 12 -4.09 -5.22 -1.80
CA SER A 12 -5.09 -4.18 -2.06
C SER A 12 -5.45 -3.46 -0.77
N ARG A 13 -4.84 -3.91 0.33
CA ARG A 13 -5.09 -3.33 1.64
C ARG A 13 -3.93 -2.43 2.06
N VAL A 14 -3.07 -2.12 1.10
CA VAL A 14 -1.90 -1.28 1.37
C VAL A 14 -2.25 0.20 1.27
N ASN A 15 -3.52 0.47 0.99
CA ASN A 15 -4.00 1.84 0.85
C ASN A 15 -3.19 2.59 -0.20
N ARG A 16 -2.50 1.82 -1.05
CA ARG A 16 -1.66 2.37 -2.12
C ARG A 16 -0.87 3.59 -1.65
N HIS A 17 -0.43 4.40 -2.61
CA HIS A 17 0.33 5.61 -2.30
C HIS A 17 -0.57 6.71 -1.77
N SER A 18 -0.18 7.31 -0.65
CA SER A 18 -0.96 8.38 -0.05
C SER A 18 -0.04 9.46 0.53
N THR A 19 -0.64 10.58 0.92
CA THR A 19 0.12 11.70 1.48
C THR A 19 -0.04 11.74 3.00
N ALA A 20 1.08 11.85 3.71
CA ALA A 20 1.07 11.89 5.17
C ALA A 20 1.50 13.28 5.66
N ILE A 21 0.58 13.97 6.32
CA ILE A 21 0.86 15.31 6.85
C ILE A 21 1.35 15.23 8.29
N GLY A 22 2.51 15.84 8.54
CA GLY A 22 3.07 15.82 9.88
C GLY A 22 4.09 14.72 10.08
N ARG A 23 5.29 14.93 9.57
CA ARG A 23 6.36 13.94 9.68
C ARG A 23 7.22 14.22 10.92
C ACE A 1 9.22 2.46 8.14
O ACE A 1 8.19 3.07 7.86
CH3 ACE A 1 10.22 3.02 9.11
H1 ACE A 1 9.71 3.24 10.04
H2 ACE A 1 10.64 3.92 8.71
H3 ACE A 1 11.00 2.28 9.27
N MET A 2 9.52 1.27 7.61
CA MET A 2 8.63 0.62 6.65
C MET A 2 7.38 0.09 7.35
N ASN A 3 6.28 0.05 6.61
CA ASN A 3 5.01 -0.44 7.16
C ASN A 3 4.26 -1.28 6.14
N TRP A 4 4.71 -1.27 4.89
CA TRP A 4 4.05 -2.01 3.83
C TRP A 4 3.44 -3.30 4.37
N THR A 5 4.31 -4.22 4.80
CA THR A 5 3.89 -5.52 5.33
C THR A 5 2.46 -5.85 4.92
N GLY A 6 2.14 -5.64 3.64
CA GLY A 6 0.81 -5.90 3.16
C GLY A 6 0.66 -5.70 1.65
N LEU A 7 1.77 -5.82 0.94
CA LEU A 7 1.77 -5.68 -0.52
C LEU A 7 1.94 -7.03 -1.20
N TYR A 8 1.61 -8.08 -0.46
CA TYR A 8 1.75 -9.44 -0.96
C TYR A 8 0.63 -10.35 -0.48
N THR A 9 0.26 -10.24 0.80
CA THR A 9 -0.79 -11.09 1.36
C THR A 9 -2.00 -10.30 1.86
N LEU A 10 -2.11 -9.05 1.42
CA LEU A 10 -3.23 -8.20 1.84
C LEU A 10 -3.57 -7.20 0.77
N LEU A 11 -2.53 -6.56 0.26
CA LEU A 11 -2.65 -5.56 -0.79
C LEU A 11 -3.62 -4.45 -0.39
N SER A 12 -3.98 -4.43 0.88
CA SER A 12 -4.87 -3.41 1.42
C SER A 12 -4.09 -2.48 2.34
N ARG A 13 -2.83 -2.84 2.55
CA ARG A 13 -1.93 -2.06 3.39
C ARG A 13 -1.00 -1.21 2.54
N VAL A 14 -1.22 -1.25 1.24
CA VAL A 14 -0.41 -0.49 0.30
C VAL A 14 -1.06 0.86 -0.01
N ASN A 15 -1.10 1.21 -1.28
CA ASN A 15 -1.69 2.48 -1.72
C ASN A 15 -2.88 2.25 -2.63
N ARG A 16 -3.23 0.98 -2.83
CA ARG A 16 -4.35 0.63 -3.69
C ARG A 16 -5.67 0.75 -2.94
N HIS A 17 -6.77 0.80 -3.68
CA HIS A 17 -8.10 0.92 -3.08
C HIS A 17 -9.15 0.22 -3.94
N SER A 18 -10.12 -0.41 -3.27
CA SER A 18 -11.19 -1.11 -3.98
C SER A 18 -12.51 -0.36 -3.86
N THR A 19 -13.27 -0.31 -4.95
CA THR A 19 -14.55 0.37 -4.96
C THR A 19 -15.62 -0.43 -4.23
N ALA A 20 -16.05 0.07 -3.07
CA ALA A 20 -17.06 -0.61 -2.28
C ALA A 20 -18.45 -0.06 -2.58
N ILE A 21 -19.38 -0.94 -2.92
CA ILE A 21 -20.74 -0.55 -3.23
C ILE A 21 -21.65 -0.69 -2.02
N GLY A 22 -22.55 0.28 -1.83
CA GLY A 22 -23.46 0.24 -0.70
C GLY A 22 -24.75 -0.48 -1.03
N ARG A 23 -25.19 -1.35 -0.12
CA ARG A 23 -26.42 -2.10 -0.31
C ARG A 23 -27.61 -1.36 0.28
C ACE A 1 11.71 2.29 2.76
O ACE A 1 11.65 2.02 1.55
CH3 ACE A 1 12.57 3.42 3.25
H1 ACE A 1 12.15 3.80 4.18
H2 ACE A 1 12.59 4.20 2.51
H3 ACE A 1 13.58 3.04 3.41
N MET A 2 11.05 1.61 3.68
CA MET A 2 10.17 0.49 3.34
C MET A 2 8.85 0.57 4.10
N ASN A 3 7.79 0.92 3.38
CA ASN A 3 6.47 1.03 4.00
C ASN A 3 5.55 -0.08 3.51
N TRP A 4 5.91 -0.69 2.38
CA TRP A 4 5.09 -1.74 1.79
C TRP A 4 4.43 -2.59 2.87
N THR A 5 5.23 -3.39 3.57
CA THR A 5 4.73 -4.27 4.62
C THR A 5 3.25 -4.60 4.41
N GLY A 6 2.88 -4.81 3.14
CA GLY A 6 1.51 -5.11 2.82
C GLY A 6 1.30 -5.50 1.37
N LEU A 7 2.32 -6.10 0.77
CA LEU A 7 2.24 -6.54 -0.63
C LEU A 7 2.23 -8.05 -0.75
N TYR A 8 1.88 -8.72 0.34
CA TYR A 8 1.83 -10.18 0.37
C TYR A 8 0.46 -10.66 0.85
N THR A 9 -0.11 -9.97 1.83
CA THR A 9 -1.41 -10.34 2.37
C THR A 9 -2.23 -9.10 2.73
N LEU A 10 -1.80 -7.95 2.24
CA LEU A 10 -2.49 -6.70 2.51
C LEU A 10 -2.47 -5.78 1.30
N LEU A 11 -2.07 -6.34 0.16
CA LEU A 11 -2.00 -5.61 -1.10
C LEU A 11 -3.21 -4.68 -1.28
N SER A 12 -4.37 -5.28 -1.54
CA SER A 12 -5.59 -4.51 -1.73
C SER A 12 -6.22 -4.15 -0.38
N ARG A 13 -5.42 -4.27 0.67
CA ARG A 13 -5.90 -3.97 2.02
C ARG A 13 -5.17 -2.76 2.60
N VAL A 14 -4.17 -2.28 1.88
CA VAL A 14 -3.40 -1.13 2.31
C VAL A 14 -3.74 0.10 1.47
N ASN A 15 -2.72 0.82 1.03
CA ASN A 15 -2.92 2.02 0.22
C ASN A 15 -2.09 1.95 -1.05
N ARG A 16 -0.86 1.42 -0.93
CA ARG A 16 0.04 1.30 -2.07
C ARG A 16 0.40 2.68 -2.64
N HIS A 17 1.64 3.10 -2.41
CA HIS A 17 2.11 4.38 -2.90
C HIS A 17 3.63 4.42 -2.97
N SER A 18 4.15 5.04 -4.03
CA SER A 18 5.60 5.14 -4.22
C SER A 18 6.04 6.60 -4.22
N THR A 19 5.07 7.52 -4.29
CA THR A 19 5.36 8.94 -4.30
C THR A 19 6.22 9.33 -5.50
N ALA A 20 5.58 9.85 -6.54
CA ALA A 20 6.28 10.26 -7.74
C ALA A 20 5.70 11.54 -8.31
N ILE A 21 6.53 12.57 -8.43
CA ILE A 21 6.10 13.86 -8.96
C ILE A 21 6.28 13.91 -10.48
N GLY A 22 5.17 14.01 -11.19
CA GLY A 22 5.23 14.08 -12.64
C GLY A 22 3.97 13.55 -13.31
N ARG A 23 4.08 12.41 -13.97
CA ARG A 23 2.95 11.79 -14.65
C ARG A 23 3.06 10.27 -14.63
C ACE A 1 12.02 1.45 4.53
O ACE A 1 11.41 1.64 3.48
CH3 ACE A 1 12.97 2.49 5.07
H1 ACE A 1 12.97 3.35 4.40
H2 ACE A 1 13.97 2.07 5.10
H3 ACE A 1 12.67 2.77 6.07
N MET A 2 11.87 0.35 5.27
CA MET A 2 10.98 -0.72 4.87
C MET A 2 9.62 -0.58 5.55
N ASN A 3 8.58 -0.33 4.77
CA ASN A 3 7.23 -0.19 5.30
C ASN A 3 6.24 -1.05 4.53
N TRP A 4 6.68 -1.58 3.39
CA TRP A 4 5.82 -2.40 2.55
C TRP A 4 4.83 -3.19 3.38
N THR A 5 5.33 -4.16 4.14
CA THR A 5 4.51 -5.02 4.99
C THR A 5 3.06 -5.02 4.53
N GLY A 6 2.86 -5.13 3.21
CA GLY A 6 1.52 -5.12 2.67
C GLY A 6 1.46 -5.51 1.20
N LEU A 7 2.51 -6.19 0.72
CA LEU A 7 2.56 -6.63 -0.67
C LEU A 7 2.37 -8.13 -0.79
N TYR A 8 1.81 -8.74 0.25
CA TYR A 8 1.59 -10.18 0.27
C TYR A 8 0.24 -10.56 0.89
N THR A 9 -0.05 -10.05 2.08
CA THR A 9 -1.31 -10.38 2.75
C THR A 9 -2.21 -9.16 2.90
N LEU A 10 -1.95 -8.13 2.11
CA LEU A 10 -2.74 -6.91 2.18
C LEU A 10 -2.96 -6.31 0.82
N LEU A 11 -1.87 -6.04 0.14
CA LEU A 11 -1.89 -5.43 -1.20
C LEU A 11 -2.95 -4.34 -1.32
N SER A 12 -4.19 -4.75 -1.61
CA SER A 12 -5.29 -3.80 -1.75
C SER A 12 -5.76 -3.31 -0.39
N ARG A 13 -5.00 -3.65 0.66
CA ARG A 13 -5.34 -3.24 2.02
C ARG A 13 -4.29 -2.28 2.56
N VAL A 14 -3.41 -1.83 1.69
CA VAL A 14 -2.34 -0.92 2.06
C VAL A 14 -2.65 0.50 1.57
N ASN A 15 -1.67 1.13 0.93
CA ASN A 15 -1.84 2.48 0.42
C ASN A 15 -2.60 2.47 -0.90
N ARG A 16 -2.94 1.28 -1.38
CA ARG A 16 -3.67 1.13 -2.64
C ARG A 16 -2.86 1.64 -3.82
N HIS A 17 -3.12 1.07 -5.00
CA HIS A 17 -2.41 1.47 -6.21
C HIS A 17 -2.97 2.78 -6.76
N SER A 18 -2.17 3.84 -6.68
CA SER A 18 -2.58 5.15 -7.16
C SER A 18 -2.11 5.38 -8.59
N THR A 19 -1.01 4.70 -8.96
CA THR A 19 -0.45 4.83 -10.29
C THR A 19 0.01 6.26 -10.58
N ALA A 20 -0.93 7.09 -11.05
CA ALA A 20 -0.63 8.49 -11.35
C ALA A 20 0.54 8.61 -12.32
N ILE A 21 0.79 7.54 -13.07
CA ILE A 21 1.88 7.53 -14.05
C ILE A 21 1.43 6.95 -15.37
N GLY A 22 1.93 7.52 -16.47
CA GLY A 22 1.56 7.05 -17.79
C GLY A 22 2.74 6.50 -18.56
N ARG A 23 2.98 5.20 -18.45
CA ARG A 23 4.09 4.56 -19.13
C ARG A 23 3.62 3.90 -20.43
C ACE A 1 9.24 4.47 5.86
O ACE A 1 9.11 5.02 4.77
CH3 ACE A 1 9.75 5.22 7.06
H1 ACE A 1 10.82 5.02 7.16
H2 ACE A 1 9.24 4.90 7.94
H3 ACE A 1 9.58 6.27 6.91
N MET A 2 8.91 3.20 6.07
CA MET A 2 8.40 2.35 4.99
C MET A 2 7.27 1.44 5.50
N ASN A 3 6.04 1.94 5.42
CA ASN A 3 4.89 1.17 5.87
C ASN A 3 4.18 0.53 4.68
N TRP A 4 4.02 -0.78 4.76
CA TRP A 4 3.34 -1.55 3.73
C TRP A 4 2.99 -2.93 4.27
N THR A 5 4.03 -3.74 4.50
CA THR A 5 3.86 -5.10 5.00
C THR A 5 2.46 -5.64 4.68
N GLY A 6 1.99 -5.37 3.46
CA GLY A 6 0.67 -5.81 3.08
C GLY A 6 0.39 -5.64 1.59
N LEU A 7 1.45 -5.56 0.79
CA LEU A 7 1.32 -5.40 -0.66
C LEU A 7 1.68 -6.69 -1.37
N TYR A 8 1.60 -7.79 -0.64
CA TYR A 8 1.94 -9.11 -1.17
C TYR A 8 1.08 -10.21 -0.57
N THR A 9 0.76 -10.11 0.73
CA THR A 9 -0.03 -11.14 1.41
C THR A 9 -1.31 -10.59 2.00
N LEU A 10 -1.71 -9.39 1.58
CA LEU A 10 -2.93 -8.77 2.08
C LEU A 10 -3.53 -7.84 1.03
N LEU A 11 -2.66 -7.07 0.43
CA LEU A 11 -3.04 -6.12 -0.62
C LEU A 11 -4.15 -5.19 -0.15
N SER A 12 -4.39 -5.18 1.16
CA SER A 12 -5.40 -4.32 1.75
C SER A 12 -4.70 -3.27 2.62
N ARG A 13 -3.38 -3.34 2.62
CA ARG A 13 -2.55 -2.42 3.39
C ARG A 13 -1.74 -1.52 2.47
N VAL A 14 -1.96 -1.70 1.17
CA VAL A 14 -1.25 -0.92 0.17
C VAL A 14 -2.21 -0.06 -0.65
N ASN A 15 -2.38 1.18 -0.21
CA ASN A 15 -3.24 2.12 -0.90
C ASN A 15 -2.71 2.38 -2.31
N ARG A 16 -1.55 1.79 -2.60
CA ARG A 16 -0.91 1.94 -3.90
C ARG A 16 -0.45 3.37 -4.13
N HIS A 17 0.44 3.56 -5.11
CA HIS A 17 0.96 4.89 -5.44
C HIS A 17 1.63 5.52 -4.23
N SER A 18 2.96 5.38 -4.16
CA SER A 18 3.72 5.95 -3.06
C SER A 18 4.54 7.16 -3.51
N THR A 19 4.45 8.24 -2.76
CA THR A 19 5.18 9.46 -3.08
C THR A 19 5.27 10.40 -1.88
N ALA A 20 6.35 11.16 -1.81
CA ALA A 20 6.57 12.10 -0.72
C ALA A 20 6.62 11.38 0.63
N ILE A 21 7.84 11.17 1.12
CA ILE A 21 8.02 10.50 2.41
C ILE A 21 8.19 11.50 3.54
N GLY A 22 7.44 11.30 4.62
CA GLY A 22 7.52 12.21 5.75
C GLY A 22 7.43 11.47 7.08
N ARG A 23 6.81 12.12 8.06
CA ARG A 23 6.65 11.53 9.39
C ARG A 23 5.36 10.72 9.49
#